data_2AIP
#
_entry.id   2AIP
#
_cell.length_a   79.867
_cell.length_b   63.295
_cell.length_c   48.237
_cell.angle_alpha   90.00
_cell.angle_beta   99.80
_cell.angle_gamma   90.00
#
_symmetry.space_group_name_H-M   'C 1 2 1'
#
loop_
_entity.id
_entity.type
_entity.pdbx_description
1 polymer 'Protein C activator'
2 non-polymer 2-acetamido-2-deoxy-beta-D-glucopyranose
3 non-polymer 'SULFATE ION'
4 non-polymer 'ACETATE ION'
5 non-polymer GLYCEROL
6 water water
#
_entity_poly.entity_id   1
_entity_poly.type   'polypeptide(L)'
_entity_poly.pdbx_seq_one_letter_code
;VIGGDECNINEHRFLALVYANGSLCGGTLINQEWVLTARHCDRGNMRIYLGMHNLKVLNKDALRRFPKEKYFCLNTRNDT
IWDKDIMLIRLNRPVRNSAHIAPLSLPSNPPSVGSVCRIMGWGTITSPNATLPDVPHCANINILDYAVCQAAYKGLAATT
LCAGILEGGKDTCKGDSGGPLICNGQFQGILSVGGNPCAQPRKPGIYTKVFDYTDWIQSIISGNTDATCPP
;
_entity_poly.pdbx_strand_id   A
#
loop_
_chem_comp.id
_chem_comp.type
_chem_comp.name
_chem_comp.formula
ACT non-polymer 'ACETATE ION' 'C2 H3 O2 -1'
GOL non-polymer GLYCEROL 'C3 H8 O3'
NAG D-saccharide, beta linking 2-acetamido-2-deoxy-beta-D-glucopyranose 'C8 H15 N O6'
SO4 non-polymer 'SULFATE ION' 'O4 S -2'
#
# COMPACT_ATOMS: atom_id res chain seq x y z
N VAL A 1 5.59 -10.13 -1.21
CA VAL A 1 4.45 -10.82 -1.89
C VAL A 1 4.78 -12.30 -2.01
N ILE A 2 3.87 -13.14 -1.53
CA ILE A 2 3.98 -14.59 -1.61
C ILE A 2 3.18 -15.10 -2.80
N GLY A 3 3.74 -16.04 -3.54
CA GLY A 3 3.00 -16.71 -4.60
C GLY A 3 2.85 -15.93 -5.89
N GLY A 4 3.65 -14.88 -6.04
CA GLY A 4 3.61 -14.05 -7.23
C GLY A 4 4.85 -14.25 -8.08
N ASP A 5 5.09 -13.29 -8.96
CA ASP A 5 6.30 -13.28 -9.75
C ASP A 5 6.83 -11.86 -9.83
N GLU A 6 8.02 -11.70 -10.38
CA GLU A 6 8.51 -10.36 -10.64
C GLU A 6 7.47 -9.56 -11.42
N CYS A 7 7.19 -8.35 -10.94
CA CYS A 7 6.30 -7.44 -11.63
C CYS A 7 6.86 -7.11 -12.99
N ASN A 8 5.99 -6.78 -13.93
CA ASN A 8 6.47 -6.19 -15.16
C ASN A 8 7.09 -4.84 -14.82
N ILE A 9 8.26 -4.57 -15.40
CA ILE A 9 8.97 -3.34 -15.11
C ILE A 9 8.15 -2.06 -15.36
N ASN A 10 7.10 -2.18 -16.17
CA ASN A 10 6.30 -1.01 -16.54
C ASN A 10 4.93 -0.96 -15.87
N GLU A 11 4.63 -1.94 -15.03
CA GLU A 11 3.26 -2.05 -14.52
C GLU A 11 3.07 -1.38 -13.18
N HIS A 12 4.11 -0.73 -12.67
CA HIS A 12 4.05 -0.21 -11.31
C HIS A 12 4.66 1.19 -11.21
N ARG A 13 4.34 2.04 -12.18
CA ARG A 13 4.94 3.36 -12.24
C ARG A 13 4.61 4.25 -11.06
N PHE A 14 3.54 3.91 -10.34
CA PHE A 14 3.04 4.66 -9.19
C PHE A 14 3.59 4.05 -7.90
N LEU A 15 4.33 2.94 -8.01
CA LEU A 15 4.71 2.25 -6.78
C LEU A 15 5.95 2.91 -6.20
N ALA A 16 5.83 3.30 -4.94
CA ALA A 16 6.92 3.91 -4.22
C ALA A 16 7.55 2.87 -3.30
N LEU A 17 8.86 2.98 -3.12
CA LEU A 17 9.61 2.16 -2.18
C LEU A 17 9.88 3.08 -0.99
N VAL A 18 9.44 2.64 0.17
CA VAL A 18 9.51 3.47 1.36
C VAL A 18 10.45 2.77 2.35
N TYR A 19 11.53 3.45 2.72
CA TYR A 19 12.46 2.91 3.70
C TYR A 19 12.45 3.82 4.89
N ALA A 20 12.22 3.27 6.08
CA ALA A 20 12.21 4.07 7.28
C ALA A 20 12.84 3.24 8.38
N ASN A 21 13.94 3.72 8.96
CA ASN A 21 14.59 3.02 10.07
C ASN A 21 14.88 1.56 9.73
N GLY A 22 15.42 1.35 8.52
CA GLY A 22 15.74 0.01 8.03
C GLY A 22 14.55 -0.84 7.64
N SER A 23 13.34 -0.32 7.87
CA SER A 23 12.12 -1.06 7.60
C SER A 23 11.55 -0.72 6.24
N LEU A 24 11.04 -1.74 5.58
CA LEU A 24 10.65 -1.62 4.21
C LEU A 24 9.14 -1.52 4.11
N CYS A 25 8.68 -0.65 3.23
CA CYS A 25 7.26 -0.51 2.95
C CYS A 25 7.11 -0.12 1.50
N GLY A 26 5.89 -0.25 0.99
CA GLY A 26 5.53 0.33 -0.29
C GLY A 26 4.75 1.60 -0.06
N GLY A 27 4.41 2.26 -1.16
CA GLY A 27 3.58 3.45 -1.10
C GLY A 27 3.10 3.67 -2.51
N THR A 28 2.19 4.63 -2.69
CA THR A 28 1.64 4.88 -4.00
C THR A 28 1.74 6.35 -4.27
N LEU A 29 2.31 6.67 -5.43
CA LEU A 29 2.40 8.04 -5.88
C LEU A 29 1.03 8.40 -6.43
N ILE A 30 0.34 9.35 -5.81
CA ILE A 30 -1.02 9.68 -6.26
C ILE A 30 -1.08 10.94 -7.11
N ASN A 31 0.02 11.65 -7.14
CA ASN A 31 0.18 12.73 -8.08
C ASN A 31 1.65 13.00 -8.07
N GLN A 32 2.08 14.10 -8.68
CA GLN A 32 3.53 14.27 -8.84
C GLN A 32 4.28 14.69 -7.58
N GLU A 33 3.54 14.91 -6.49
CA GLU A 33 4.16 15.41 -5.28
C GLU A 33 3.75 14.69 -4.04
N TRP A 34 2.86 13.70 -4.15
CA TRP A 34 2.28 13.11 -2.95
C TRP A 34 2.19 11.62 -3.02
N VAL A 35 2.47 10.99 -1.89
CA VAL A 35 2.48 9.55 -1.77
C VAL A 35 1.58 9.15 -0.62
N LEU A 36 0.83 8.08 -0.83
CA LEU A 36 0.03 7.47 0.21
C LEU A 36 0.69 6.17 0.62
N THR A 37 0.80 5.96 1.91
CA THR A 37 1.37 4.73 2.45
C THR A 37 0.62 4.42 3.74
N ALA A 38 1.12 3.47 4.52
CA ALA A 38 0.49 3.10 5.77
C ALA A 38 1.13 3.94 6.87
N ARG A 39 0.36 4.40 7.84
CA ARG A 39 0.98 5.18 8.90
C ARG A 39 1.95 4.33 9.69
N HIS A 40 1.72 3.02 9.75
CA HIS A 40 2.66 2.21 10.51
C HIS A 40 4.06 2.15 9.89
N CYS A 41 4.19 2.64 8.66
CA CYS A 41 5.47 2.62 7.97
C CYS A 41 6.34 3.78 8.39
N ASP A 42 5.78 4.67 9.19
CA ASP A 42 6.45 5.91 9.63
C ASP A 42 7.31 5.56 10.82
N ARG A 43 8.43 4.90 10.55
CA ARG A 43 9.28 4.40 11.61
C ARG A 43 10.55 5.22 11.79
N GLY A 44 10.65 6.33 11.05
CA GLY A 44 11.72 7.29 11.25
C GLY A 44 12.64 7.46 10.05
N ASN A 45 13.06 8.70 9.81
CA ASN A 45 13.96 9.03 8.71
C ASN A 45 13.53 8.37 7.41
N MET A 46 12.34 8.70 6.95
CA MET A 46 11.79 8.06 5.78
C MET A 46 12.47 8.55 4.52
N ARG A 47 12.80 7.59 3.68
CA ARG A 47 13.32 7.85 2.34
C ARG A 47 12.31 7.20 1.42
N ILE A 48 11.91 7.94 0.39
CA ILE A 48 10.88 7.44 -0.52
C ILE A 48 11.49 7.39 -1.90
N TYR A 49 11.49 6.21 -2.52
CA TYR A 49 12.14 6.05 -3.81
C TYR A 49 11.07 5.86 -4.84
N LEU A 50 11.12 6.69 -5.88
CA LEU A 50 10.16 6.58 -6.97
C LEU A 50 10.88 6.03 -8.19
N GLY A 51 10.13 5.39 -9.07
CA GLY A 51 10.69 4.85 -10.32
C GLY A 51 11.65 3.69 -10.12
N MET A 52 11.53 2.99 -8.99
CA MET A 52 12.37 1.84 -8.73
C MET A 52 11.74 0.56 -9.20
N HIS A 53 12.56 -0.33 -9.74
CA HIS A 53 12.15 -1.70 -9.97
C HIS A 53 13.19 -2.58 -9.30
N ASN A 54 14.29 -2.83 -10.00
CA ASN A 54 15.35 -3.62 -9.41
C ASN A 54 16.17 -2.77 -8.45
N LEU A 55 16.24 -3.20 -7.19
CA LEU A 55 16.99 -2.50 -6.19
C LEU A 55 18.50 -2.55 -6.44
N LYS A 56 18.92 -3.45 -7.33
CA LYS A 56 20.33 -3.67 -7.63
C LYS A 56 20.69 -3.27 -9.06
N VAL A 57 19.70 -2.87 -9.83
CA VAL A 57 19.91 -2.36 -11.17
C VAL A 57 19.03 -1.15 -11.28
N LEU A 58 19.58 0.02 -10.94
CA LEU A 58 18.71 1.16 -10.74
C LEU A 58 18.17 1.65 -12.05
N ASN A 59 16.84 1.84 -12.13
CA ASN A 59 16.29 2.51 -13.28
C ASN A 59 16.94 3.86 -13.39
N LYS A 60 17.24 4.27 -14.62
CA LYS A 60 17.89 5.54 -14.87
C LYS A 60 17.09 6.72 -14.32
N ASP A 61 15.78 6.57 -14.28
CA ASP A 61 14.92 7.63 -13.83
C ASP A 61 14.50 7.48 -12.38
N ALA A 62 15.07 6.54 -11.66
CA ALA A 62 14.75 6.41 -10.24
C ALA A 62 15.13 7.68 -9.47
N LEU A 63 14.33 8.01 -8.49
CA LEU A 63 14.52 9.22 -7.70
C LEU A 63 14.34 8.93 -6.22
N ARG A 64 15.04 9.70 -5.39
CA ARG A 64 14.89 9.63 -3.93
C ARG A 64 14.24 10.92 -3.45
N ARG A 65 13.30 10.79 -2.53
CA ARG A 65 12.59 11.93 -1.97
C ARG A 65 12.44 11.69 -0.49
N PHE A 66 11.99 12.72 0.22
CA PHE A 66 11.65 12.54 1.61
C PHE A 66 10.42 13.35 1.91
N PRO A 67 9.80 13.10 3.07
CA PRO A 67 8.58 13.82 3.37
C PRO A 67 8.82 15.29 3.67
N LYS A 68 8.05 16.16 3.02
CA LYS A 68 8.04 17.57 3.32
C LYS A 68 6.75 17.91 4.08
N GLU A 69 5.69 17.14 3.82
CA GLU A 69 4.47 17.23 4.61
C GLU A 69 4.05 15.82 4.94
N LYS A 70 3.40 15.66 6.07
CA LYS A 70 3.06 14.33 6.54
C LYS A 70 1.76 14.43 7.30
N TYR A 71 0.78 13.63 6.92
CA TYR A 71 -0.51 13.66 7.56
C TYR A 71 -0.99 12.25 7.82
N PHE A 72 -1.81 12.14 8.85
CA PHE A 72 -2.47 10.88 9.18
C PHE A 72 -3.64 11.28 10.06
N CYS A 73 -4.45 10.29 10.39
CA CYS A 73 -5.65 10.53 11.18
C CYS A 73 -5.28 10.60 12.64
N LEU A 74 -5.73 11.66 13.31
CA LEU A 74 -5.33 11.86 14.70
C LEU A 74 -6.20 11.05 15.66
N ASN A 75 -7.48 10.90 15.32
CA ASN A 75 -8.40 10.09 16.10
C ASN A 75 -8.36 8.63 15.61
N THR A 76 -7.56 7.81 16.26
CA THR A 76 -7.59 6.40 15.90
C THR A 76 -8.03 5.56 17.07
N ARG A 77 -8.75 4.48 16.79
CA ARG A 77 -9.16 3.57 17.85
C ARG A 77 -7.96 2.84 18.42
N ASN A 78 -8.07 2.47 19.69
CA ASN A 78 -7.03 1.73 20.36
C ASN A 78 -7.38 0.24 20.40
N ASP A 79 -8.66 -0.07 20.23
CA ASP A 79 -9.11 -1.46 20.36
C ASP A 79 -9.07 -2.23 19.04
N THR A 80 -8.98 -1.52 17.92
CA THR A 80 -8.81 -2.22 16.65
C THR A 80 -7.34 -2.15 16.21
N ILE A 81 -6.97 -3.05 15.30
CA ILE A 81 -5.57 -3.18 14.90
C ILE A 81 -5.23 -2.14 13.83
N TRP A 82 -4.28 -1.28 14.13
CA TRP A 82 -3.83 -0.25 13.16
C TRP A 82 -4.99 0.45 12.52
N ASP A 83 -5.87 1.00 13.34
CA ASP A 83 -6.99 1.73 12.83
C ASP A 83 -6.50 2.85 11.93
N LYS A 84 -7.21 3.05 10.82
CA LYS A 84 -6.90 4.15 9.89
C LYS A 84 -5.43 4.13 9.51
N ASP A 85 -5.00 3.00 8.95
CA ASP A 85 -3.59 2.84 8.67
C ASP A 85 -3.27 3.45 7.34
N ILE A 86 -3.03 4.77 7.37
CA ILE A 86 -2.86 5.55 6.17
C ILE A 86 -2.10 6.80 6.53
N MET A 87 -1.19 7.19 5.65
CA MET A 87 -0.39 8.36 5.87
C MET A 87 -0.18 8.99 4.51
N LEU A 88 -0.40 10.29 4.45
CA LEU A 88 -0.32 11.03 3.20
C LEU A 88 0.88 11.93 3.30
N ILE A 89 1.77 11.82 2.31
CA ILE A 89 3.05 12.49 2.41
C ILE A 89 3.22 13.35 1.18
N ARG A 90 3.66 14.57 1.37
CA ARG A 90 4.07 15.39 0.26
C ARG A 90 5.57 15.28 0.18
N LEU A 91 6.05 14.98 -1.02
CA LEU A 91 7.47 14.82 -1.28
C LEU A 91 8.14 16.18 -1.24
N ASN A 92 9.44 16.16 -0.99
CA ASN A 92 10.22 17.39 -0.91
C ASN A 92 10.31 18.12 -2.23
N ARG A 93 10.30 17.35 -3.32
CA ARG A 93 10.30 17.91 -4.66
C ARG A 93 9.41 17.03 -5.51
N PRO A 94 8.76 17.62 -6.53
CA PRO A 94 7.92 16.83 -7.41
C PRO A 94 8.72 15.83 -8.20
N VAL A 95 8.04 14.79 -8.67
CA VAL A 95 8.61 13.84 -9.60
C VAL A 95 7.77 13.87 -10.86
N ARG A 96 8.40 14.17 -11.96
CA ARG A 96 7.70 14.21 -13.22
C ARG A 96 7.52 12.83 -13.83
N ASN A 97 6.54 12.71 -14.73
CA ASN A 97 6.30 11.43 -15.37
C ASN A 97 7.53 11.01 -16.17
N SER A 98 7.86 9.74 -16.11
CA SER A 98 8.99 9.21 -16.85
C SER A 98 8.69 7.75 -17.15
N ALA A 99 9.62 7.03 -17.78
CA ALA A 99 9.36 5.68 -18.17
C ALA A 99 8.82 4.89 -16.99
N HIS A 100 9.37 5.17 -15.81
CA HIS A 100 9.06 4.33 -14.64
C HIS A 100 8.37 5.07 -13.52
N ILE A 101 7.94 6.29 -13.80
CA ILE A 101 7.27 7.09 -12.78
C ILE A 101 6.00 7.71 -13.35
N ALA A 102 4.87 7.44 -12.71
CA ALA A 102 3.63 8.14 -13.05
C ALA A 102 2.65 7.89 -11.91
N PRO A 103 1.84 8.89 -11.55
CA PRO A 103 0.93 8.70 -10.45
C PRO A 103 -0.30 7.86 -10.80
N LEU A 104 -0.90 7.32 -9.75
CA LEU A 104 -2.14 6.60 -9.87
C LEU A 104 -3.08 7.37 -8.98
N SER A 105 -4.17 7.82 -9.55
CA SER A 105 -5.04 8.73 -8.84
C SER A 105 -6.09 8.03 -7.98
N LEU A 106 -7.12 8.80 -7.62
CA LEU A 106 -8.05 8.35 -6.59
C LEU A 106 -9.20 7.60 -7.20
N PRO A 107 -9.61 6.51 -6.55
CA PRO A 107 -10.64 5.66 -7.15
C PRO A 107 -11.99 6.34 -7.23
N SER A 108 -12.74 6.02 -8.27
CA SER A 108 -14.08 6.58 -8.45
C SER A 108 -15.12 5.83 -7.65
N ASN A 109 -14.75 4.67 -7.11
CA ASN A 109 -15.70 3.83 -6.41
C ASN A 109 -14.91 2.76 -5.69
N PRO A 110 -15.49 2.22 -4.61
CA PRO A 110 -14.85 1.10 -3.94
C PRO A 110 -15.06 -0.17 -4.79
N PRO A 111 -14.17 -1.16 -4.64
CA PRO A 111 -14.22 -2.32 -5.51
C PRO A 111 -15.26 -3.34 -5.09
N SER A 112 -15.84 -4.02 -6.06
CA SER A 112 -16.79 -5.09 -5.75
C SER A 112 -16.08 -6.28 -5.13
N VAL A 113 -16.75 -6.93 -4.19
CA VAL A 113 -16.29 -8.24 -3.73
C VAL A 113 -16.21 -9.13 -4.98
N GLY A 114 -15.11 -9.88 -5.08
CA GLY A 114 -14.84 -10.71 -6.24
C GLY A 114 -13.91 -10.09 -7.27
N SER A 115 -13.68 -8.78 -7.18
CA SER A 115 -12.81 -8.11 -8.15
C SER A 115 -11.42 -8.65 -8.05
N VAL A 116 -10.75 -8.71 -9.19
CA VAL A 116 -9.35 -9.11 -9.24
C VAL A 116 -8.50 -7.89 -8.94
N CYS A 117 -7.55 -8.05 -8.02
CA CYS A 117 -6.67 -6.97 -7.65
C CYS A 117 -5.25 -7.41 -7.78
N ARG A 118 -4.40 -6.47 -8.16
CA ARG A 118 -2.98 -6.68 -8.18
C ARG A 118 -2.41 -6.24 -6.85
N ILE A 119 -1.52 -7.06 -6.31
CA ILE A 119 -0.72 -6.63 -5.17
C ILE A 119 0.73 -6.65 -5.60
N MET A 120 1.55 -5.88 -4.90
CA MET A 120 2.93 -5.67 -5.35
C MET A 120 3.75 -5.13 -4.22
N GLY A 121 5.02 -5.51 -4.22
CA GLY A 121 5.95 -4.92 -3.29
C GLY A 121 7.28 -5.61 -3.30
N TRP A 122 8.19 -5.04 -2.53
CA TRP A 122 9.50 -5.61 -2.36
C TRP A 122 9.57 -6.44 -1.08
N GLY A 123 8.42 -6.75 -0.53
CA GLY A 123 8.35 -7.52 0.71
C GLY A 123 8.78 -8.96 0.51
N THR A 124 8.85 -9.67 1.61
CA THR A 124 9.29 -11.07 1.53
C THR A 124 8.44 -11.90 0.60
N ILE A 125 9.11 -12.80 -0.10
CA ILE A 125 8.43 -13.72 -1.00
C ILE A 125 8.28 -15.10 -0.34
N THR A 126 8.76 -15.21 0.89
CA THR A 126 8.57 -16.41 1.70
C THR A 126 8.07 -16.03 3.06
N SER A 127 7.28 -16.93 3.64
CA SER A 127 6.71 -16.73 4.96
C SER A 127 6.37 -18.11 5.51
N PRO A 128 6.90 -18.44 6.70
CA PRO A 128 7.76 -17.65 7.55
C PRO A 128 9.17 -17.54 6.96
N ASN A 129 10.02 -16.73 7.62
CA ASN A 129 11.42 -16.53 7.22
C ASN A 129 11.53 -15.62 6.01
N ALA A 130 12.16 -14.46 6.21
CA ALA A 130 12.21 -13.42 5.20
C ALA A 130 13.10 -13.79 4.02
N THR A 131 12.58 -13.58 2.81
CA THR A 131 13.36 -13.64 1.59
C THR A 131 13.00 -12.40 0.80
N LEU A 132 13.85 -11.39 0.87
CA LEU A 132 13.56 -10.13 0.19
C LEU A 132 14.07 -10.16 -1.25
N PRO A 133 13.17 -9.92 -2.22
CA PRO A 133 13.52 -9.93 -3.65
C PRO A 133 14.24 -8.64 -4.04
N ASP A 134 15.00 -8.71 -5.13
CA ASP A 134 15.65 -7.52 -5.68
C ASP A 134 14.69 -6.72 -6.54
N VAL A 135 13.63 -7.40 -6.99
CA VAL A 135 12.64 -6.78 -7.86
C VAL A 135 11.30 -6.91 -7.15
N PRO A 136 10.38 -5.99 -7.42
CA PRO A 136 9.10 -6.14 -6.72
C PRO A 136 8.38 -7.34 -7.30
N HIS A 137 7.65 -8.05 -6.47
CA HIS A 137 6.84 -9.15 -6.93
C HIS A 137 5.39 -8.72 -6.93
N CYS A 138 4.64 -9.32 -7.84
CA CYS A 138 3.26 -8.97 -8.09
C CYS A 138 2.46 -10.25 -8.09
N ALA A 139 1.22 -10.16 -7.63
CA ALA A 139 0.30 -11.28 -7.76
C ALA A 139 -1.10 -10.74 -7.91
N ASN A 140 -2.00 -11.59 -8.40
CA ASN A 140 -3.41 -11.28 -8.45
C ASN A 140 -4.13 -11.94 -7.32
N ILE A 141 -4.93 -11.15 -6.63
CA ILE A 141 -5.74 -11.67 -5.55
C ILE A 141 -7.14 -11.13 -5.80
N ASN A 142 -8.05 -11.33 -4.85
CA ASN A 142 -9.40 -10.84 -5.04
C ASN A 142 -9.87 -10.06 -3.85
N ILE A 143 -10.85 -9.19 -4.07
CA ILE A 143 -11.58 -8.61 -2.95
C ILE A 143 -12.45 -9.72 -2.40
N LEU A 144 -12.28 -9.97 -1.11
CA LEU A 144 -13.02 -10.99 -0.45
C LEU A 144 -14.15 -10.40 0.37
N ASP A 145 -15.15 -11.22 0.62
CA ASP A 145 -16.20 -10.88 1.53
C ASP A 145 -15.53 -10.43 2.84
N TYR A 146 -15.92 -9.28 3.34
CA TYR A 146 -15.28 -8.73 4.53
C TYR A 146 -15.39 -9.66 5.72
N ALA A 147 -16.44 -10.48 5.72
CA ALA A 147 -16.69 -11.42 6.80
C ALA A 147 -15.57 -12.42 6.91
N VAL A 148 -14.86 -12.65 5.81
CA VAL A 148 -13.72 -13.54 5.82
C VAL A 148 -12.64 -12.98 6.73
N CYS A 149 -12.32 -11.69 6.57
CA CYS A 149 -11.34 -11.04 7.42
C CYS A 149 -11.84 -10.92 8.85
N GLN A 150 -13.14 -10.69 9.01
CA GLN A 150 -13.73 -10.57 10.33
C GLN A 150 -13.60 -11.87 11.10
N ALA A 151 -13.75 -12.99 10.38
CA ALA A 151 -13.64 -14.31 10.99
C ALA A 151 -12.19 -14.65 11.34
N ALA A 152 -11.27 -14.19 10.49
CA ALA A 152 -9.86 -14.50 10.65
C ALA A 152 -9.18 -13.63 11.70
N TYR A 153 -9.67 -12.42 11.91
CA TYR A 153 -8.91 -11.46 12.72
C TYR A 153 -9.65 -10.89 13.94
N LYS A 154 -8.86 -10.49 14.92
CA LYS A 154 -9.39 -9.90 16.14
C LYS A 154 -9.91 -8.49 15.93
N GLY A 155 -9.16 -7.48 16.32
CA GLY A 155 -9.64 -6.11 16.16
C GLY A 155 -9.46 -5.54 14.77
N LEU A 156 -10.20 -6.08 13.79
CA LEU A 156 -10.12 -5.61 12.40
C LEU A 156 -10.58 -4.16 12.34
N ALA A 157 -9.78 -3.30 11.75
CA ALA A 157 -10.19 -1.91 11.59
C ALA A 157 -11.28 -1.73 10.54
N ALA A 158 -12.12 -0.72 10.73
CA ALA A 158 -13.09 -0.33 9.75
C ALA A 158 -12.33 0.42 8.64
N THR A 159 -13.07 0.90 7.65
CA THR A 159 -12.49 1.53 6.46
C THR A 159 -11.34 0.68 5.89
N THR A 160 -11.61 -0.62 5.82
CA THR A 160 -10.65 -1.53 5.24
C THR A 160 -11.31 -2.44 4.24
N LEU A 161 -10.49 -2.97 3.34
CA LEU A 161 -10.87 -4.01 2.40
C LEU A 161 -10.18 -5.28 2.81
N CYS A 162 -10.87 -6.40 2.60
CA CYS A 162 -10.36 -7.72 2.86
C CYS A 162 -9.97 -8.29 1.50
N ALA A 163 -8.70 -8.64 1.31
CA ALA A 163 -8.29 -9.08 -0.02
C ALA A 163 -7.26 -10.17 0.06
N GLY A 164 -7.40 -11.15 -0.80
CA GLY A 164 -6.52 -12.29 -0.81
C GLY A 164 -7.13 -13.34 -1.70
N ILE A 165 -6.67 -14.57 -1.48
CA ILE A 165 -7.20 -15.75 -2.14
C ILE A 165 -7.78 -16.55 -1.00
N LEU A 166 -9.04 -16.96 -1.10
CA LEU A 166 -9.70 -17.61 0.03
C LEU A 166 -8.90 -18.84 0.42
N GLU A 167 -8.39 -19.55 -0.57
CA GLU A 167 -7.62 -20.78 -0.34
C GLU A 167 -6.16 -20.53 0.08
N GLY A 168 -5.78 -19.25 0.12
CA GLY A 168 -4.41 -18.87 0.39
C GLY A 168 -3.47 -19.09 -0.78
N GLY A 169 -2.18 -18.92 -0.53
CA GLY A 169 -1.17 -19.20 -1.51
C GLY A 169 -0.58 -17.94 -2.14
N LYS A 170 -1.39 -16.89 -2.20
CA LYS A 170 -0.91 -15.59 -2.73
C LYS A 170 -1.33 -14.56 -1.73
N ASP A 171 -0.44 -13.63 -1.43
CA ASP A 171 -0.68 -12.69 -0.35
C ASP A 171 0.43 -11.68 -0.38
N THR A 172 0.18 -10.52 0.21
CA THR A 172 1.27 -9.65 0.58
C THR A 172 1.92 -10.20 1.86
N CYS A 173 3.06 -9.62 2.22
CA CYS A 173 3.73 -10.07 3.42
C CYS A 173 4.61 -8.96 3.95
N LYS A 174 5.41 -9.27 4.96
CA LYS A 174 6.27 -8.27 5.59
C LYS A 174 7.10 -7.53 4.56
N GLY A 175 7.08 -6.20 4.62
CA GLY A 175 7.82 -5.39 3.66
C GLY A 175 6.91 -4.82 2.59
N ASP A 176 5.71 -5.38 2.44
CA ASP A 176 4.76 -4.91 1.44
C ASP A 176 3.80 -3.87 1.99
N SER A 177 3.78 -3.70 3.32
CA SER A 177 2.82 -2.78 3.93
C SER A 177 2.96 -1.41 3.32
N GLY A 178 1.84 -0.71 3.26
CA GLY A 178 1.83 0.62 2.69
C GLY A 178 1.66 0.61 1.19
N GLY A 179 1.92 -0.55 0.58
CA GLY A 179 1.85 -0.69 -0.88
C GLY A 179 0.40 -0.76 -1.35
N PRO A 180 0.19 -0.56 -2.65
CA PRO A 180 -1.16 -0.51 -3.20
C PRO A 180 -1.79 -1.86 -3.51
N LEU A 181 -3.11 -1.87 -3.34
CA LEU A 181 -3.99 -2.91 -3.86
C LEU A 181 -4.71 -2.25 -5.04
N ILE A 182 -4.44 -2.74 -6.25
CA ILE A 182 -5.00 -2.12 -7.46
C ILE A 182 -6.05 -3.07 -7.99
N CYS A 183 -7.31 -2.65 -8.00
CA CYS A 183 -8.40 -3.52 -8.44
C CYS A 183 -9.03 -2.90 -9.64
N ASN A 184 -9.12 -3.67 -10.73
CA ASN A 184 -9.70 -3.15 -11.95
C ASN A 184 -9.11 -1.78 -12.31
N GLY A 185 -7.78 -1.68 -12.19
CA GLY A 185 -7.05 -0.52 -12.62
C GLY A 185 -7.12 0.67 -11.68
N GLN A 186 -7.77 0.49 -10.53
CA GLN A 186 -7.96 1.58 -9.57
C GLN A 186 -7.20 1.32 -8.30
N PHE A 187 -6.69 2.38 -7.70
CA PHE A 187 -5.99 2.33 -6.41
C PHE A 187 -7.02 2.17 -5.31
N GLN A 188 -7.18 0.96 -4.76
CA GLN A 188 -8.26 0.75 -3.82
C GLN A 188 -7.83 0.51 -2.39
N GLY A 189 -6.63 -0.01 -2.21
CA GLY A 189 -6.19 -0.37 -0.88
C GLY A 189 -4.74 -0.02 -0.63
N ILE A 190 -4.44 0.22 0.65
CA ILE A 190 -3.05 0.37 1.12
C ILE A 190 -2.85 -0.78 2.09
N LEU A 191 -1.87 -1.64 1.86
CA LEU A 191 -1.71 -2.77 2.79
C LEU A 191 -1.43 -2.30 4.22
N SER A 192 -2.23 -2.80 5.14
CA SER A 192 -2.04 -2.50 6.55
C SER A 192 -1.49 -3.71 7.28
N VAL A 193 -2.31 -4.75 7.37
CA VAL A 193 -1.96 -5.89 8.22
C VAL A 193 -2.44 -7.15 7.56
N GLY A 194 -1.92 -8.27 8.03
CA GLY A 194 -2.39 -9.54 7.56
C GLY A 194 -1.87 -10.61 8.49
N GLY A 195 -2.13 -11.86 8.11
CA GLY A 195 -1.73 -12.99 8.94
C GLY A 195 -0.24 -13.25 8.81
N ASN A 196 0.34 -13.82 9.88
CA ASN A 196 1.73 -14.24 9.89
C ASN A 196 1.76 -15.65 10.46
N PRO A 197 2.21 -16.65 9.67
CA PRO A 197 2.73 -16.56 8.32
C PRO A 197 1.72 -16.07 7.29
N CYS A 198 2.23 -15.53 6.19
CA CYS A 198 1.42 -14.97 5.14
C CYS A 198 0.87 -16.07 4.23
N ALA A 199 -0.16 -15.71 3.49
CA ALA A 199 -0.74 -16.54 2.44
C ALA A 199 -1.41 -17.79 2.96
N GLN A 200 -1.82 -17.78 4.23
CA GLN A 200 -2.56 -18.91 4.77
C GLN A 200 -3.99 -18.90 4.25
N PRO A 201 -4.59 -20.10 4.13
CA PRO A 201 -5.99 -20.14 3.74
C PRO A 201 -6.85 -19.34 4.71
N ARG A 202 -7.77 -18.54 4.16
CA ARG A 202 -8.72 -17.77 4.96
C ARG A 202 -8.10 -16.78 5.93
N LYS A 203 -6.88 -16.34 5.62
CA LYS A 203 -6.25 -15.30 6.40
C LYS A 203 -5.76 -14.27 5.42
N PRO A 204 -6.69 -13.45 4.94
CA PRO A 204 -6.38 -12.47 3.89
C PRO A 204 -5.60 -11.25 4.40
N GLY A 205 -5.27 -10.37 3.48
CA GLY A 205 -4.68 -9.10 3.88
C GLY A 205 -5.77 -8.07 4.12
N ILE A 206 -5.43 -7.11 4.97
CA ILE A 206 -6.33 -6.03 5.34
C ILE A 206 -5.71 -4.78 4.78
N TYR A 207 -6.48 -4.12 3.92
CA TYR A 207 -5.98 -2.98 3.17
C TYR A 207 -6.84 -1.80 3.49
N THR A 208 -6.20 -0.71 3.88
CA THR A 208 -6.96 0.49 4.16
C THR A 208 -7.70 0.89 2.90
N LYS A 209 -8.98 1.24 3.04
CA LYS A 209 -9.87 1.41 1.90
C LYS A 209 -9.77 2.83 1.37
N VAL A 210 -8.94 2.98 0.35
CA VAL A 210 -8.59 4.32 -0.18
C VAL A 210 -9.82 5.15 -0.53
N PHE A 211 -10.82 4.54 -1.16
CA PHE A 211 -12.04 5.27 -1.52
C PHE A 211 -12.62 6.08 -0.35
N ASP A 212 -12.60 5.48 0.83
CA ASP A 212 -13.20 6.10 2.02
C ASP A 212 -12.46 7.36 2.42
N TYR A 213 -11.23 7.47 1.96
CA TYR A 213 -10.36 8.58 2.35
C TYR A 213 -10.28 9.66 1.30
N THR A 214 -11.08 9.56 0.24
CA THR A 214 -11.03 10.55 -0.86
C THR A 214 -11.16 11.97 -0.36
N ASP A 215 -12.19 12.22 0.45
CA ASP A 215 -12.46 13.57 0.92
C ASP A 215 -11.30 14.06 1.76
N TRP A 216 -10.79 13.19 2.61
CA TRP A 216 -9.69 13.55 3.46
C TRP A 216 -8.45 13.93 2.63
N ILE A 217 -8.13 13.05 1.70
CA ILE A 217 -6.98 13.31 0.83
C ILE A 217 -7.15 14.64 0.09
N GLN A 218 -8.32 14.81 -0.54
CA GLN A 218 -8.53 16.00 -1.34
C GLN A 218 -8.54 17.23 -0.47
N SER A 219 -9.08 17.09 0.74
CA SER A 219 -9.13 18.22 1.64
C SER A 219 -7.74 18.67 2.02
N ILE A 220 -6.89 17.70 2.34
CA ILE A 220 -5.51 18.01 2.73
C ILE A 220 -4.74 18.66 1.59
N ILE A 221 -4.79 18.03 0.42
CA ILE A 221 -3.94 18.47 -0.67
C ILE A 221 -4.45 19.77 -1.25
N SER A 222 -5.77 19.97 -1.23
CA SER A 222 -6.36 21.17 -1.80
C SER A 222 -6.21 22.35 -0.88
N GLY A 223 -5.74 22.10 0.33
CA GLY A 223 -5.30 23.17 1.22
C GLY A 223 -6.32 23.68 2.20
N ASN A 224 -7.52 23.11 2.21
CA ASN A 224 -8.50 23.53 3.21
C ASN A 224 -8.18 22.88 4.56
N THR A 225 -8.26 23.69 5.60
CA THR A 225 -7.54 23.44 6.85
C THR A 225 -8.15 22.38 7.77
N ASP A 226 -7.25 21.52 8.27
CA ASP A 226 -7.54 20.43 9.18
C ASP A 226 -8.80 19.62 8.85
N ALA A 227 -8.79 19.11 7.62
CA ALA A 227 -9.58 17.96 7.15
C ALA A 227 -9.81 16.99 8.30
N THR A 228 -10.75 16.07 8.14
CA THR A 228 -10.92 14.99 9.11
C THR A 228 -10.99 13.65 8.40
N CYS A 229 -10.48 12.61 9.06
CA CYS A 229 -10.59 11.28 8.50
C CYS A 229 -12.00 10.72 8.62
N PRO A 230 -12.33 9.74 7.76
CA PRO A 230 -13.62 9.07 7.86
C PRO A 230 -13.66 8.24 9.14
N PRO A 231 -14.86 8.09 9.74
CA PRO A 231 -15.10 7.04 10.76
C PRO A 231 -14.91 5.65 10.18
C1 NAG B . 12.28 -19.45 10.35
C2 NAG B . 13.19 -20.60 10.73
C3 NAG B . 12.49 -21.92 10.43
C4 NAG B . 10.99 -21.96 10.73
C5 NAG B . 10.26 -20.61 10.89
C6 NAG B . 9.24 -20.74 12.02
C7 NAG B . 15.04 -21.32 9.22
C8 NAG B . 15.04 -21.01 7.75
N2 NAG B . 14.46 -20.43 10.02
O3 NAG B . 13.11 -22.96 11.18
O4 NAG B . 10.33 -22.68 9.71
O5 NAG B . 11.11 -19.50 11.15
O6 NAG B . 8.58 -19.52 12.27
O7 NAG B . 15.56 -22.36 9.63
C1 NAG C . -3.43 1.03 22.49
C2 NAG C . -2.76 1.37 23.83
C3 NAG C . -1.24 1.53 23.70
C4 NAG C . -0.58 0.52 22.75
C5 NAG C . -1.45 0.29 21.50
C6 NAG C . -0.88 -0.82 20.62
C7 NAG C . -3.46 2.83 25.66
C8 NAG C . -4.74 3.44 26.13
N2 NAG C . -3.35 2.59 24.36
O3 NAG C . -0.66 1.38 24.98
O4 NAG C . 0.68 1.02 22.37
O5 NAG C . -2.75 -0.05 21.89
O6 NAG C . -0.19 -0.22 19.56
O7 NAG C . -2.54 2.61 26.46
C1 NAG D . 13.35 2.26 14.57
C2 NAG D . 13.79 1.35 15.71
C3 NAG D . 12.88 0.13 15.82
C4 NAG D . 11.41 0.52 15.84
C5 NAG D . 11.06 1.55 14.76
C6 NAG D . 9.67 2.15 15.01
C7 NAG D . 16.11 1.08 16.43
C8 NAG D . 17.40 1.69 15.96
N2 NAG D . 15.16 0.91 15.50
O3 NAG D . 13.18 -0.58 17.00
O4 NAG D . 10.63 -0.65 15.65
O5 NAG D . 11.99 2.63 14.74
O6 NAG D . 8.68 1.11 14.98
O7 NAG D . 15.96 0.75 17.62
S SO4 E . 5.36 -4.74 7.79
O1 SO4 E . 6.77 -5.02 8.03
O2 SO4 E . 4.99 -5.13 6.42
O3 SO4 E . 5.14 -3.31 7.98
O4 SO4 E . 4.55 -5.53 8.73
S SO4 F . -15.02 -2.78 -9.18
O1 SO4 F . -14.97 -3.20 -10.59
O2 SO4 F . -14.30 -3.74 -8.36
O3 SO4 F . -16.43 -2.75 -8.76
O4 SO4 F . -14.38 -1.46 -9.03
S SO4 G . -8.72 12.92 12.35
O1 SO4 G . -9.79 13.41 11.49
O2 SO4 G . -8.91 11.48 12.53
O3 SO4 G . -8.78 13.53 13.67
O4 SO4 G . -7.43 13.27 11.74
C ACT H . 14.95 15.84 -9.35
O ACT H . 14.27 15.12 -10.11
OXT ACT H . 15.72 15.24 -8.57
CH3 ACT H . 14.83 17.34 -9.39
C1 GOL I . -1.78 -0.21 16.63
O1 GOL I . -2.91 -1.04 16.74
C2 GOL I . -2.12 1.25 16.92
O2 GOL I . -3.10 1.72 16.01
C3 GOL I . -0.88 2.12 16.83
O3 GOL I . -1.22 3.49 16.74
#